data_6A13
#
_entry.id   6A13
#
_cell.length_a   137.468
_cell.length_b   137.468
_cell.length_c   111.995
_cell.angle_alpha   90.00
_cell.angle_beta   90.00
_cell.angle_gamma   90.00
#
_symmetry.space_group_name_H-M   'I 4 2 2'
#
loop_
_entity.id
_entity.type
_entity.pdbx_description
1 polymer '4-hydroxymandelate oxidase'
2 non-polymer 'FLAVIN MONONUCLEOTIDE'
3 water water
#
_entity_poly.entity_id   1
_entity_poly.type   'polypeptide(L)'
_entity_poly.pdbx_seq_one_letter_code
;MGSSHHHHHHSSGLVPRGSHMTYVSLADLERAARDVLPGEIFDFLAGGSGTEASLVANRTALERVFVIPRMLRDLTDVTT
EIDIFGRRAALPMAVAPVAYQRLFHPEGELAVARAARDAGVPYTICTLSSVSLEEIAAVGGRPWFQLFWLRDEKRSLDLV
RRAEDAGCEAIVFTVDVPWMGRRLRDMRNGFALPEWVTAANFDAGTAAHRRTQGVSAVADHTAREFAPATWESVEAVRAH
TDLPVVLKGILAVEDARRAVDAGAGGIVVSNHGGRQLDGAVPGIEMLGEIVAAVSGGCEVLVDGGIRSGGDVLKATALGA
SAVLVGRPVMWALAAAGQDGVRQLLELLAEEVRDAMGLAGCESVGAARRLNTKLGVV
;
_entity_poly.pdbx_strand_id   A
#
loop_
_chem_comp.id
_chem_comp.type
_chem_comp.name
_chem_comp.formula
FMN non-polymer 'FLAVIN MONONUCLEOTIDE' 'C17 H21 N4 O9 P'
#
# COMPACT_ATOMS: atom_id res chain seq x y z
N TYR A 23 -7.86 -21.29 -0.23
CA TYR A 23 -8.15 -20.03 0.47
C TYR A 23 -9.33 -19.33 -0.20
N VAL A 24 -10.38 -19.01 0.56
CA VAL A 24 -11.56 -18.35 -0.02
C VAL A 24 -11.74 -16.93 0.50
N SER A 25 -10.89 -16.48 1.44
CA SER A 25 -10.90 -15.12 1.96
C SER A 25 -9.47 -14.78 2.43
N LEU A 26 -9.20 -13.48 2.55
CA LEU A 26 -7.88 -13.08 3.05
C LEU A 26 -7.68 -13.58 4.48
N ALA A 27 -8.77 -13.77 5.23
CA ALA A 27 -8.66 -14.21 6.62
C ALA A 27 -8.14 -15.65 6.72
N ASP A 28 -8.41 -16.50 5.73
CA ASP A 28 -7.80 -17.83 5.74
C ASP A 28 -6.28 -17.74 5.78
N LEU A 29 -5.70 -16.76 5.08
CA LEU A 29 -4.24 -16.68 5.02
C LEU A 29 -3.66 -16.18 6.33
N GLU A 30 -4.37 -15.30 7.04
CA GLU A 30 -3.85 -14.85 8.32
C GLU A 30 -3.72 -16.03 9.28
N ARG A 31 -4.73 -16.91 9.30
CA ARG A 31 -4.64 -18.09 10.15
C ARG A 31 -3.43 -18.93 9.77
N ALA A 32 -3.22 -19.13 8.47
CA ALA A 32 -2.09 -19.92 8.02
C ALA A 32 -0.76 -19.26 8.41
N ALA A 33 -0.63 -17.94 8.25
CA ALA A 33 0.61 -17.27 8.64
C ALA A 33 0.84 -17.32 10.15
N ARG A 34 -0.21 -17.19 10.95
CA ARG A 34 -0.02 -17.25 12.40
C ARG A 34 0.52 -18.62 12.82
N ASP A 35 0.03 -19.68 12.19
CA ASP A 35 0.57 -21.03 12.42
C ASP A 35 2.09 -21.10 12.24
N VAL A 36 2.59 -20.60 11.11
CA VAL A 36 3.96 -20.87 10.70
C VAL A 36 4.96 -19.89 11.30
N LEU A 37 4.62 -18.59 11.46
CA LEU A 37 5.65 -17.65 11.87
C LEU A 37 5.97 -17.76 13.35
N PRO A 38 7.22 -17.54 13.73
CA PRO A 38 7.52 -17.28 15.14
C PRO A 38 6.62 -16.15 15.66
N GLY A 39 6.14 -16.29 16.90
CA GLY A 39 5.26 -15.28 17.48
C GLY A 39 5.79 -13.85 17.40
N GLU A 40 7.10 -13.66 17.61
CA GLU A 40 7.56 -12.28 17.63
C GLU A 40 7.62 -11.70 16.23
N ILE A 41 7.77 -12.55 15.21
CA ILE A 41 7.69 -12.06 13.83
C ILE A 41 6.24 -11.81 13.44
N PHE A 42 5.32 -12.67 13.85
CA PHE A 42 3.91 -12.38 13.61
C PHE A 42 3.53 -11.06 14.26
N ASP A 43 4.05 -10.79 15.46
CA ASP A 43 3.72 -9.54 16.14
C ASP A 43 4.34 -8.33 15.46
N PHE A 44 5.58 -8.44 14.97
CA PHE A 44 6.20 -7.35 14.21
C PHE A 44 5.30 -6.97 13.03
N LEU A 45 4.74 -8.00 12.37
CA LEU A 45 3.88 -7.80 11.21
C LEU A 45 2.51 -7.25 11.61
N ALA A 46 1.86 -7.86 12.61
CA ALA A 46 0.47 -7.57 12.95
C ALA A 46 0.32 -6.27 13.74
N GLY A 47 1.32 -5.92 14.51
CA GLY A 47 1.16 -4.86 15.53
C GLY A 47 1.05 -3.44 14.99
N GLY A 48 0.63 -2.56 15.91
CA GLY A 48 0.61 -1.12 15.65
C GLY A 48 1.35 -0.40 16.76
N SER A 49 1.28 0.94 16.79
CA SER A 49 1.90 1.69 17.85
C SER A 49 0.93 1.90 19.02
N GLY A 50 1.50 2.20 20.18
CA GLY A 50 0.64 2.59 21.30
C GLY A 50 -0.36 1.53 21.69
N THR A 51 -1.63 1.94 21.88
CA THR A 51 -2.68 0.99 22.22
C THR A 51 -3.30 0.32 21.01
N GLU A 52 -2.74 0.53 19.83
CA GLU A 52 -3.26 0.01 18.56
C GLU A 52 -4.68 0.54 18.26
N ALA A 53 -4.99 1.75 18.75
CA ALA A 53 -6.28 2.35 18.44
C ALA A 53 -6.41 2.60 16.93
N SER A 54 -5.35 3.07 16.29
CA SER A 54 -5.48 3.43 14.87
C SER A 54 -5.49 2.18 14.01
N LEU A 55 -4.74 1.17 14.42
CA LEU A 55 -4.80 -0.14 13.75
C LEU A 55 -6.24 -0.68 13.73
N VAL A 56 -6.88 -0.67 14.89
CA VAL A 56 -8.25 -1.18 14.97
C VAL A 56 -9.18 -0.29 14.18
N ALA A 57 -8.97 1.05 14.27
CA ALA A 57 -9.88 1.97 13.62
C ALA A 57 -9.85 1.82 12.11
N ASN A 58 -8.72 1.40 11.53
CA ASN A 58 -8.73 1.17 10.07
C ASN A 58 -9.80 0.16 9.68
N ARG A 59 -9.92 -0.93 10.45
CA ARG A 59 -10.97 -1.90 10.12
C ARG A 59 -12.35 -1.38 10.45
N THR A 60 -12.55 -0.79 11.63
CA THR A 60 -13.86 -0.26 12.02
C THR A 60 -14.36 0.76 11.02
N ALA A 61 -13.44 1.61 10.52
CA ALA A 61 -13.86 2.63 9.57
C ALA A 61 -14.37 2.01 8.26
N LEU A 62 -13.71 0.95 7.76
CA LEU A 62 -14.16 0.31 6.54
C LEU A 62 -15.46 -0.42 6.76
N GLU A 63 -15.62 -1.01 7.94
CA GLU A 63 -16.85 -1.79 8.17
C GLU A 63 -18.09 -0.91 8.25
N ARG A 64 -17.94 0.38 8.57
CA ARG A 64 -19.04 1.32 8.64
C ARG A 64 -19.48 1.82 7.29
N VAL A 65 -18.67 1.60 6.26
CA VAL A 65 -19.00 2.11 4.92
C VAL A 65 -19.87 1.08 4.21
N PHE A 66 -21.03 1.52 3.69
CA PHE A 66 -21.83 0.61 2.86
C PHE A 66 -21.90 1.21 1.47
N VAL A 67 -21.91 0.33 0.47
CA VAL A 67 -22.00 0.78 -0.92
C VAL A 67 -23.45 0.78 -1.37
N ILE A 68 -23.82 1.74 -2.20
CA ILE A 68 -25.15 1.76 -2.84
C ILE A 68 -24.95 1.24 -4.26
N PRO A 69 -25.21 -0.05 -4.52
CA PRO A 69 -24.96 -0.62 -5.87
C PRO A 69 -25.95 -0.14 -6.90
N ARG A 70 -25.53 -0.08 -8.16
CA ARG A 70 -26.42 0.21 -9.27
C ARG A 70 -26.76 -1.09 -9.97
N MET A 71 -27.93 -1.15 -10.56
CA MET A 71 -28.41 -2.39 -11.19
C MET A 71 -28.62 -2.17 -12.67
N LEU A 72 -28.65 -3.32 -13.39
CA LEU A 72 -29.18 -3.37 -14.77
C LEU A 72 -28.30 -2.62 -15.76
N ARG A 73 -27.01 -2.43 -15.44
CA ARG A 73 -26.05 -1.83 -16.34
C ARG A 73 -25.38 -2.91 -17.20
N ASP A 74 -24.82 -2.48 -18.32
CA ASP A 74 -24.16 -3.41 -19.21
C ASP A 74 -22.85 -3.90 -18.57
N LEU A 75 -22.73 -5.20 -18.44
CA LEU A 75 -21.55 -5.82 -17.84
C LEU A 75 -20.87 -6.75 -18.84
N THR A 76 -21.01 -6.45 -20.12
CA THR A 76 -20.49 -7.40 -21.12
C THR A 76 -18.98 -7.48 -21.05
N ASP A 77 -18.30 -6.40 -20.73
CA ASP A 77 -16.82 -6.35 -20.68
C ASP A 77 -16.36 -5.68 -19.38
N VAL A 78 -16.73 -6.25 -18.23
CA VAL A 78 -16.22 -5.72 -16.97
C VAL A 78 -14.69 -5.79 -17.00
N THR A 79 -14.05 -4.68 -16.65
CA THR A 79 -12.59 -4.70 -16.54
C THR A 79 -12.19 -4.07 -15.23
N THR A 80 -11.23 -4.71 -14.54
CA THR A 80 -10.71 -4.16 -13.29
C THR A 80 -9.44 -3.37 -13.52
N GLU A 81 -9.05 -3.16 -14.78
CA GLU A 81 -7.79 -2.47 -15.05
C GLU A 81 -7.85 -0.99 -14.78
N ILE A 82 -6.69 -0.43 -14.45
CA ILE A 82 -6.57 1.03 -14.39
C ILE A 82 -5.26 1.41 -15.06
N ASP A 83 -5.17 2.68 -15.44
CA ASP A 83 -3.90 3.29 -15.86
C ASP A 83 -3.41 4.17 -14.73
N ILE A 84 -2.18 3.94 -14.29
CA ILE A 84 -1.68 4.77 -13.19
C ILE A 84 -0.19 4.97 -13.37
N PHE A 85 0.26 6.22 -13.23
CA PHE A 85 1.70 6.54 -13.35
C PHE A 85 2.26 5.98 -14.66
N GLY A 86 1.45 6.05 -15.72
CA GLY A 86 1.88 5.65 -17.06
C GLY A 86 1.96 4.17 -17.30
N ARG A 87 1.34 3.34 -16.47
CA ARG A 87 1.34 1.91 -16.72
C ARG A 87 -0.08 1.40 -16.53
N ARG A 88 -0.45 0.40 -17.31
CA ARG A 88 -1.70 -0.29 -17.06
C ARG A 88 -1.49 -1.25 -15.91
N ALA A 89 -2.38 -1.25 -14.92
CA ALA A 89 -2.32 -2.25 -13.86
C ALA A 89 -3.56 -3.12 -13.95
N ALA A 90 -3.45 -4.41 -13.52
CA ALA A 90 -4.55 -5.36 -13.69
C ALA A 90 -5.73 -5.12 -12.77
N LEU A 91 -5.49 -4.45 -11.64
CA LEU A 91 -6.44 -4.18 -10.56
C LEU A 91 -6.13 -2.79 -10.06
N PRO A 92 -7.07 -2.14 -9.40
CA PRO A 92 -6.76 -0.85 -8.77
C PRO A 92 -6.08 -1.07 -7.41
N MET A 93 -4.92 -1.71 -7.44
N MET A 93 -4.89 -1.66 -7.47
CA MET A 93 -4.26 -2.08 -6.20
CA MET A 93 -4.22 -2.13 -6.27
C MET A 93 -2.77 -2.33 -6.48
C MET A 93 -2.73 -2.22 -6.54
N ALA A 94 -1.94 -1.98 -5.49
CA ALA A 94 -0.51 -2.29 -5.55
C ALA A 94 -0.10 -2.94 -4.21
N VAL A 95 1.00 -3.65 -4.23
CA VAL A 95 1.53 -4.18 -2.97
C VAL A 95 2.19 -3.04 -2.19
N ALA A 96 1.75 -2.86 -0.93
CA ALA A 96 2.33 -1.80 -0.12
C ALA A 96 3.80 -2.05 0.15
N PRO A 97 4.57 -1.01 0.39
CA PRO A 97 5.94 -1.23 0.94
C PRO A 97 5.89 -1.85 2.33
N VAL A 98 6.57 -2.99 2.50
CA VAL A 98 6.71 -3.64 3.80
C VAL A 98 8.18 -4.02 3.94
N ALA A 99 8.83 -3.48 4.95
CA ALA A 99 10.27 -3.72 5.12
C ALA A 99 10.56 -5.19 5.45
N TYR A 100 11.77 -5.64 5.03
CA TYR A 100 12.38 -6.88 5.57
C TYR A 100 11.56 -8.14 5.31
N GLN A 101 11.20 -8.41 4.04
CA GLN A 101 10.25 -9.48 3.78
C GLN A 101 10.88 -10.86 3.93
N ARG A 102 12.22 -10.95 3.97
CA ARG A 102 12.83 -12.24 4.35
C ARG A 102 12.51 -12.64 5.79
N LEU A 103 11.95 -11.73 6.60
CA LEU A 103 11.45 -12.17 7.90
C LEU A 103 10.37 -13.23 7.74
N PHE A 104 9.62 -13.21 6.64
CA PHE A 104 8.38 -13.98 6.51
C PHE A 104 8.56 -15.23 5.68
N HIS A 105 9.56 -15.25 4.83
CA HIS A 105 9.81 -16.38 3.92
C HIS A 105 11.21 -16.22 3.38
N PRO A 106 11.92 -17.34 3.13
CA PRO A 106 13.31 -17.21 2.67
C PRO A 106 13.47 -16.45 1.36
N GLU A 107 12.52 -16.55 0.44
CA GLU A 107 12.62 -15.84 -0.83
C GLU A 107 12.23 -14.36 -0.70
N GLY A 108 11.61 -14.02 0.41
CA GLY A 108 11.36 -12.61 0.72
C GLY A 108 10.78 -11.84 -0.44
N GLU A 109 11.35 -10.65 -0.67
CA GLU A 109 10.86 -9.75 -1.71
C GLU A 109 10.81 -10.39 -3.08
N LEU A 110 11.73 -11.32 -3.41
CA LEU A 110 11.69 -11.84 -4.76
C LEU A 110 10.42 -12.65 -4.99
N ALA A 111 9.98 -13.42 -4.01
CA ALA A 111 8.73 -14.18 -4.15
C ALA A 111 7.55 -13.25 -4.36
N VAL A 112 7.50 -12.18 -3.57
CA VAL A 112 6.36 -11.28 -3.69
C VAL A 112 6.39 -10.56 -5.02
N ALA A 113 7.55 -10.04 -5.41
CA ALA A 113 7.63 -9.29 -6.65
C ALA A 113 7.32 -10.18 -7.87
N ARG A 114 7.74 -11.45 -7.84
CA ARG A 114 7.41 -12.34 -8.96
C ARG A 114 5.91 -12.56 -9.07
N ALA A 115 5.24 -12.78 -7.95
CA ALA A 115 3.79 -13.00 -7.97
C ALA A 115 3.06 -11.73 -8.42
N ALA A 116 3.55 -10.57 -7.94
CA ALA A 116 2.93 -9.30 -8.34
C ALA A 116 3.07 -9.06 -9.83
N ARG A 117 4.30 -9.27 -10.35
CA ARG A 117 4.51 -9.18 -11.79
C ARG A 117 3.51 -10.07 -12.54
N ASP A 118 3.42 -11.35 -12.13
CA ASP A 118 2.60 -12.28 -12.89
C ASP A 118 1.14 -11.88 -12.84
N ALA A 119 0.72 -11.22 -11.75
CA ALA A 119 -0.67 -10.76 -11.59
C ALA A 119 -0.92 -9.41 -12.21
N GLY A 120 0.10 -8.70 -12.69
CA GLY A 120 -0.12 -7.43 -13.29
C GLY A 120 -0.32 -6.32 -12.25
N VAL A 121 0.18 -6.51 -11.05
CA VAL A 121 -0.05 -5.59 -9.93
C VAL A 121 1.27 -4.91 -9.61
N PRO A 122 1.34 -3.58 -9.47
CA PRO A 122 2.61 -2.95 -9.09
C PRO A 122 3.09 -3.46 -7.73
N TYR A 123 4.42 -3.64 -7.61
CA TYR A 123 5.06 -4.01 -6.35
C TYR A 123 5.91 -2.84 -5.87
N THR A 124 5.78 -2.43 -4.61
CA THR A 124 6.64 -1.35 -4.08
C THR A 124 7.88 -1.91 -3.40
N ILE A 125 9.03 -1.69 -4.03
CA ILE A 125 10.33 -2.06 -3.44
C ILE A 125 10.65 -1.09 -2.31
N CYS A 126 11.02 -1.64 -1.16
CA CYS A 126 11.28 -0.83 0.03
C CYS A 126 12.72 -0.34 0.12
N THR A 127 12.89 0.86 0.65
CA THR A 127 14.24 1.28 1.08
C THR A 127 14.87 0.25 2.00
N LEU A 128 14.09 -0.34 2.91
CA LEU A 128 14.60 -1.31 3.88
C LEU A 128 14.33 -2.72 3.37
N SER A 129 14.49 -2.94 2.08
CA SER A 129 14.25 -4.31 1.59
C SER A 129 15.39 -5.21 2.06
N SER A 130 15.09 -6.50 2.18
CA SER A 130 16.11 -7.47 2.62
C SER A 130 16.74 -8.15 1.43
N VAL A 131 16.34 -7.78 0.23
CA VAL A 131 17.03 -8.10 -1.02
C VAL A 131 17.24 -6.77 -1.74
N SER A 132 18.38 -6.60 -2.44
CA SER A 132 18.68 -5.29 -3.00
C SER A 132 17.66 -4.88 -4.05
N LEU A 133 17.47 -3.56 -4.16
CA LEU A 133 16.43 -3.07 -5.05
C LEU A 133 16.74 -3.44 -6.50
N GLU A 134 18.03 -3.55 -6.87
CA GLU A 134 18.32 -3.92 -8.25
C GLU A 134 17.91 -5.36 -8.53
N GLU A 135 18.16 -6.27 -7.58
CA GLU A 135 17.68 -7.65 -7.75
C GLU A 135 16.18 -7.72 -7.83
N ILE A 136 15.47 -6.97 -6.97
CA ILE A 136 14.03 -7.08 -7.06
C ILE A 136 13.53 -6.50 -8.38
N ALA A 137 14.11 -5.37 -8.82
CA ALA A 137 13.66 -4.75 -10.08
C ALA A 137 13.92 -5.66 -11.27
N ALA A 138 14.98 -6.47 -11.18
CA ALA A 138 15.27 -7.41 -12.29
C ALA A 138 14.20 -8.47 -12.45
N VAL A 139 13.38 -8.72 -11.42
CA VAL A 139 12.25 -9.62 -11.60
C VAL A 139 11.36 -9.14 -12.74
N GLY A 140 11.33 -7.84 -12.99
CA GLY A 140 10.42 -7.26 -13.99
C GLY A 140 9.17 -6.67 -13.36
N GLY A 141 8.11 -6.61 -14.16
CA GLY A 141 6.82 -6.17 -13.64
C GLY A 141 6.74 -4.69 -13.38
N ARG A 142 7.56 -3.91 -14.00
CA ARG A 142 7.54 -2.46 -13.66
C ARG A 142 7.24 -2.07 -12.19
N PRO A 143 8.21 -2.18 -11.29
CA PRO A 143 8.01 -1.88 -9.86
C PRO A 143 8.07 -0.39 -9.51
N TRP A 144 7.59 -0.08 -8.30
CA TRP A 144 7.75 1.24 -7.70
C TRP A 144 8.81 1.18 -6.63
N PHE A 145 9.35 2.34 -6.19
CA PHE A 145 10.35 2.32 -5.15
C PHE A 145 9.93 3.24 -4.00
N GLN A 146 9.90 2.70 -2.78
CA GLN A 146 9.57 3.48 -1.58
C GLN A 146 10.84 4.07 -0.97
N LEU A 147 10.81 5.36 -0.67
CA LEU A 147 11.95 6.11 -0.17
C LEU A 147 11.72 6.50 1.28
N PHE A 148 12.69 6.21 2.14
CA PHE A 148 12.87 6.89 3.42
C PHE A 148 13.97 7.92 3.26
N TRP A 149 13.73 9.11 3.77
CA TRP A 149 14.75 10.15 3.68
C TRP A 149 15.91 9.75 4.59
N LEU A 150 17.12 9.92 4.08
CA LEU A 150 18.33 9.46 4.76
C LEU A 150 18.99 10.63 5.49
N ARG A 151 19.95 10.26 6.34
CA ARG A 151 21.10 11.07 6.75
C ARG A 151 21.22 12.37 5.98
N ASP A 152 21.23 12.28 4.65
CA ASP A 152 21.80 13.27 3.74
C ASP A 152 20.96 13.49 2.49
N GLU A 153 20.79 14.75 2.05
CA GLU A 153 20.16 14.97 0.75
C GLU A 153 20.89 14.18 -0.35
N LYS A 154 22.23 14.26 -0.40
CA LYS A 154 22.98 13.61 -1.48
C LYS A 154 22.76 12.09 -1.49
N ARG A 155 22.78 11.47 -0.31
CA ARG A 155 22.56 10.01 -0.23
C ARG A 155 21.12 9.63 -0.57
N SER A 156 20.15 10.43 -0.14
CA SER A 156 18.76 10.12 -0.48
C SER A 156 18.58 10.11 -1.97
N LEU A 157 19.16 11.12 -2.62
CA LEU A 157 19.01 11.27 -4.04
C LEU A 157 19.74 10.15 -4.77
N ASP A 158 20.79 9.56 -4.18
CA ASP A 158 21.44 8.42 -4.81
C ASP A 158 20.54 7.19 -4.81
N LEU A 159 19.79 6.98 -3.72
CA LEU A 159 18.84 5.90 -3.70
C LEU A 159 17.79 6.12 -4.78
N VAL A 160 17.30 7.36 -4.91
CA VAL A 160 16.30 7.63 -5.93
C VAL A 160 16.88 7.31 -7.29
N ARG A 161 18.10 7.79 -7.56
CA ARG A 161 18.67 7.57 -8.88
C ARG A 161 18.91 6.07 -9.10
N ARG A 162 19.36 5.35 -8.08
CA ARG A 162 19.48 3.90 -8.21
C ARG A 162 18.18 3.30 -8.63
N ALA A 163 17.08 3.71 -7.96
CA ALA A 163 15.81 3.09 -8.28
C ALA A 163 15.43 3.38 -9.71
N GLU A 164 15.62 4.63 -10.15
CA GLU A 164 15.26 5.01 -11.50
C GLU A 164 16.12 4.25 -12.52
N ASP A 165 17.44 4.18 -12.25
CA ASP A 165 18.35 3.44 -13.14
C ASP A 165 17.95 1.98 -13.27
N ALA A 166 17.42 1.38 -12.19
CA ALA A 166 16.99 -0.02 -12.21
C ALA A 166 15.61 -0.24 -12.83
N GLY A 167 14.92 0.81 -13.24
CA GLY A 167 13.64 0.69 -13.94
C GLY A 167 12.40 0.85 -13.07
N CYS A 168 12.56 1.38 -11.86
CA CYS A 168 11.39 1.65 -11.05
C CYS A 168 10.61 2.77 -11.73
N GLU A 169 9.29 2.77 -11.57
CA GLU A 169 8.45 3.67 -12.36
C GLU A 169 7.82 4.78 -11.53
N ALA A 170 7.99 4.77 -10.22
CA ALA A 170 7.45 5.84 -9.37
C ALA A 170 8.25 5.82 -8.09
N ILE A 171 8.38 6.99 -7.43
CA ILE A 171 9.03 7.05 -6.15
C ILE A 171 7.92 7.28 -5.13
N VAL A 172 7.76 6.34 -4.20
CA VAL A 172 6.76 6.42 -3.14
C VAL A 172 7.52 6.96 -1.93
N PHE A 173 7.44 8.28 -1.72
CA PHE A 173 8.19 8.91 -0.63
C PHE A 173 7.36 8.81 0.65
N THR A 174 7.85 8.10 1.64
CA THR A 174 7.08 7.94 2.88
C THR A 174 7.26 9.22 3.68
N VAL A 175 6.14 9.87 4.03
CA VAL A 175 6.26 11.18 4.65
C VAL A 175 5.72 11.19 6.06
N ASP A 176 5.36 10.03 6.61
CA ASP A 176 4.78 9.96 7.94
C ASP A 176 5.70 9.32 8.94
N VAL A 177 7.00 9.21 8.61
CA VAL A 177 7.93 8.51 9.49
C VAL A 177 9.10 9.45 9.73
N PRO A 178 8.91 10.56 10.44
CA PRO A 178 10.10 11.32 10.91
C PRO A 178 11.01 10.45 11.73
N TRP A 179 10.42 9.49 12.45
CA TRP A 179 11.04 8.37 13.12
C TRP A 179 9.96 7.32 13.25
N MET A 180 10.36 6.11 13.62
CA MET A 180 9.34 5.08 13.71
C MET A 180 8.51 5.17 15.00
N GLY A 181 7.22 4.84 14.88
CA GLY A 181 6.31 4.81 16.01
C GLY A 181 6.73 3.79 17.06
N ARG A 182 6.13 3.92 18.24
CA ARG A 182 6.47 3.07 19.40
C ARG A 182 5.62 1.79 19.36
N ARG A 183 6.22 0.68 18.91
CA ARG A 183 5.51 -0.59 18.75
C ARG A 183 5.65 -1.41 20.04
N LEU A 184 4.62 -1.38 20.87
CA LEU A 184 4.73 -2.00 22.19
C LEU A 184 4.89 -3.51 22.11
N ARG A 185 4.31 -4.16 21.08
CA ARG A 185 4.53 -5.61 20.97
C ARG A 185 6.01 -5.89 20.82
N ASP A 186 6.69 -5.09 20.00
CA ASP A 186 8.11 -5.32 19.69
C ASP A 186 8.94 -5.03 20.91
N MET A 187 8.61 -3.95 21.62
CA MET A 187 9.30 -3.68 22.89
C MET A 187 9.11 -4.83 23.87
N ARG A 188 7.88 -5.31 24.04
CA ARG A 188 7.61 -6.38 25.00
C ARG A 188 8.33 -7.67 24.60
N ASN A 189 8.41 -7.94 23.30
CA ASN A 189 9.10 -9.12 22.78
C ASN A 189 10.62 -8.97 22.76
N GLY A 190 11.14 -7.76 22.92
CA GLY A 190 12.55 -7.48 22.66
C GLY A 190 12.94 -7.81 21.24
N PHE A 191 12.05 -7.56 20.30
CA PHE A 191 12.25 -7.99 18.93
C PHE A 191 13.44 -7.28 18.27
N ALA A 192 14.24 -8.05 17.53
CA ALA A 192 15.26 -7.47 16.67
C ALA A 192 15.38 -8.38 15.45
N LEU A 193 15.95 -7.81 14.39
CA LEU A 193 16.14 -8.57 13.17
C LEU A 193 17.03 -9.77 13.43
N PRO A 194 16.66 -10.94 12.95
CA PRO A 194 17.62 -12.05 12.90
C PRO A 194 18.89 -11.60 12.19
N GLU A 195 20.00 -12.25 12.54
CA GLU A 195 21.23 -11.90 11.86
C GLU A 195 21.19 -12.22 10.38
N TRP A 196 20.28 -13.12 9.94
CA TRP A 196 20.18 -13.44 8.52
C TRP A 196 19.30 -12.46 7.73
N VAL A 197 18.74 -11.43 8.37
CA VAL A 197 17.94 -10.42 7.67
C VAL A 197 18.68 -9.10 7.80
N THR A 198 19.02 -8.48 6.67
CA THR A 198 19.70 -7.19 6.65
C THR A 198 19.00 -6.23 5.70
N ALA A 199 19.29 -4.94 5.89
CA ALA A 199 18.89 -3.89 4.95
C ALA A 199 19.84 -3.93 3.75
N ALA A 200 19.42 -4.68 2.71
CA ALA A 200 20.29 -5.00 1.59
C ALA A 200 20.65 -3.82 0.69
N ASN A 201 19.94 -2.68 0.78
CA ASN A 201 20.30 -1.54 -0.04
C ASN A 201 21.48 -0.76 0.52
N PHE A 202 21.92 -1.11 1.72
CA PHE A 202 23.00 -0.36 2.41
C PHE A 202 24.26 -1.19 2.57
N PHE A 226 18.86 7.87 9.11
CA PHE A 226 17.66 8.53 8.62
C PHE A 226 17.30 9.85 9.32
N ALA A 227 16.96 10.86 8.52
CA ALA A 227 16.55 12.16 9.03
C ALA A 227 15.11 12.44 8.66
N PRO A 228 14.39 13.23 9.46
CA PRO A 228 13.00 13.59 9.10
C PRO A 228 12.89 14.35 7.78
N ALA A 229 11.95 13.94 6.95
CA ALA A 229 11.70 14.60 5.69
C ALA A 229 10.86 15.87 5.91
N THR A 230 11.05 16.85 5.03
CA THR A 230 10.28 18.08 4.99
C THR A 230 9.84 18.37 3.55
N TRP A 231 9.09 19.45 3.36
CA TRP A 231 8.68 19.79 2.02
C TRP A 231 9.88 20.12 1.15
N GLU A 232 10.97 20.62 1.77
CA GLU A 232 12.19 20.84 1.01
C GLU A 232 12.75 19.53 0.48
N SER A 233 12.63 18.46 1.28
CA SER A 233 13.08 17.14 0.81
C SER A 233 12.27 16.69 -0.40
N VAL A 234 10.95 16.88 -0.33
CA VAL A 234 10.09 16.54 -1.47
C VAL A 234 10.56 17.26 -2.73
N GLU A 235 10.86 18.57 -2.60
CA GLU A 235 11.28 19.33 -3.77
C GLU A 235 12.60 18.81 -4.28
N ALA A 236 13.49 18.41 -3.39
CA ALA A 236 14.77 17.88 -3.84
C ALA A 236 14.56 16.61 -4.63
N VAL A 237 13.63 15.76 -4.18
CA VAL A 237 13.39 14.53 -4.92
C VAL A 237 12.77 14.86 -6.26
N ARG A 238 11.73 15.72 -6.26
CA ARG A 238 11.03 16.07 -7.49
C ARG A 238 11.98 16.63 -8.53
N ALA A 239 13.01 17.37 -8.11
CA ALA A 239 13.95 17.96 -9.05
C ALA A 239 14.95 16.95 -9.58
N HIS A 240 15.14 15.85 -8.85
CA HIS A 240 16.15 14.85 -9.15
C HIS A 240 15.65 13.77 -10.11
N THR A 241 14.36 13.65 -10.31
CA THR A 241 13.83 12.56 -11.12
C THR A 241 12.67 13.10 -11.93
N ASP A 242 12.48 12.52 -13.11
CA ASP A 242 11.24 12.72 -13.84
C ASP A 242 10.19 11.66 -13.50
N LEU A 243 10.51 10.70 -12.64
CA LEU A 243 9.47 9.76 -12.25
C LEU A 243 8.42 10.46 -11.40
N PRO A 244 7.17 9.97 -11.43
CA PRO A 244 6.16 10.53 -10.53
C PRO A 244 6.56 10.29 -9.09
N VAL A 245 6.39 11.32 -8.26
CA VAL A 245 6.64 11.23 -6.84
C VAL A 245 5.29 11.10 -6.15
N VAL A 246 5.15 10.10 -5.31
CA VAL A 246 3.89 9.80 -4.61
C VAL A 246 4.16 9.98 -3.13
N LEU A 247 3.39 10.83 -2.44
CA LEU A 247 3.68 11.06 -1.03
C LEU A 247 2.79 10.14 -0.21
N LYS A 248 3.41 9.23 0.54
CA LYS A 248 2.68 8.21 1.27
C LYS A 248 2.60 8.58 2.75
N GLY A 249 1.37 8.67 3.27
CA GLY A 249 1.16 9.02 4.67
C GLY A 249 0.52 10.38 4.84
N ILE A 250 -0.28 10.81 3.89
CA ILE A 250 -0.99 12.11 3.99
C ILE A 250 -2.34 11.86 4.65
N LEU A 251 -2.70 12.71 5.64
CA LEU A 251 -4.04 12.60 6.22
C LEU A 251 -4.77 13.94 6.26
N ALA A 252 -4.00 15.04 6.33
CA ALA A 252 -4.67 16.36 6.42
C ALA A 252 -5.01 16.87 5.02
N VAL A 253 -6.22 17.45 4.89
CA VAL A 253 -6.63 17.96 3.60
C VAL A 253 -5.62 18.97 3.05
N GLU A 254 -5.15 19.92 3.92
CA GLU A 254 -4.19 20.91 3.46
C GLU A 254 -2.88 20.29 3.01
N ASP A 255 -2.50 19.14 3.60
CA ASP A 255 -1.29 18.50 3.14
C ASP A 255 -1.50 17.84 1.78
N ALA A 256 -2.71 17.33 1.51
CA ALA A 256 -2.99 16.79 0.17
C ALA A 256 -2.95 17.90 -0.87
N ARG A 257 -3.55 19.06 -0.56
CA ARG A 257 -3.45 20.16 -1.51
C ARG A 257 -2.03 20.60 -1.71
N ARG A 258 -1.23 20.69 -0.64
CA ARG A 258 0.13 21.11 -0.79
C ARG A 258 0.95 20.09 -1.58
N ALA A 259 0.62 18.80 -1.42
CA ALA A 259 1.29 17.79 -2.25
C ALA A 259 1.05 18.06 -3.72
N VAL A 260 -0.18 18.42 -4.10
CA VAL A 260 -0.42 18.72 -5.51
C VAL A 260 0.40 19.93 -5.92
N ASP A 261 0.38 20.96 -5.08
CA ASP A 261 1.10 22.19 -5.39
C ASP A 261 2.58 21.94 -5.50
N ALA A 262 3.08 20.94 -4.75
CA ALA A 262 4.49 20.57 -4.74
C ALA A 262 4.88 19.72 -5.95
N GLY A 263 3.93 19.35 -6.81
CA GLY A 263 4.21 18.56 -8.00
C GLY A 263 4.19 17.05 -7.78
N ALA A 264 3.62 16.59 -6.68
CA ALA A 264 3.39 15.17 -6.52
C ALA A 264 2.49 14.64 -7.62
N GLY A 265 2.78 13.44 -8.10
CA GLY A 265 1.88 12.77 -9.02
C GLY A 265 0.84 11.92 -8.33
N GLY A 266 1.01 11.69 -7.04
CA GLY A 266 0.01 10.95 -6.29
C GLY A 266 0.26 11.16 -4.82
N ILE A 267 -0.72 10.74 -4.01
CA ILE A 267 -0.56 10.65 -2.56
C ILE A 267 -1.18 9.33 -2.14
N VAL A 268 -0.73 8.81 -0.99
CA VAL A 268 -1.41 7.66 -0.37
C VAL A 268 -1.95 8.19 0.94
N VAL A 269 -3.27 8.18 1.05
CA VAL A 269 -3.96 8.61 2.25
C VAL A 269 -3.93 7.44 3.23
N SER A 270 -3.26 7.64 4.38
CA SER A 270 -2.72 6.50 5.12
C SER A 270 -2.29 6.89 6.51
N ASN A 271 -2.59 6.05 7.52
CA ASN A 271 -1.99 6.26 8.84
C ASN A 271 -0.94 5.18 9.10
N HIS A 272 -0.38 4.66 8.01
CA HIS A 272 0.76 3.70 8.08
C HIS A 272 0.31 2.42 8.80
N GLY A 273 -0.91 1.99 8.52
CA GLY A 273 -1.34 0.75 9.13
C GLY A 273 -1.45 0.80 10.62
N GLY A 274 -1.63 2.01 11.18
CA GLY A 274 -1.70 2.13 12.64
C GLY A 274 -0.37 1.98 13.35
N ARG A 275 0.73 2.14 12.64
CA ARG A 275 2.08 1.85 13.18
C ARG A 275 2.82 3.12 13.54
N GLN A 276 2.25 4.29 13.19
CA GLN A 276 2.97 5.54 13.42
C GLN A 276 2.29 6.30 14.55
N LEU A 277 1.54 7.37 14.28
CA LEU A 277 0.88 8.03 15.42
C LEU A 277 -0.30 7.18 15.90
N ASP A 278 -0.32 6.77 17.18
CA ASP A 278 -1.49 6.06 17.68
C ASP A 278 -2.56 7.10 18.01
N GLY A 279 -3.74 6.96 17.40
CA GLY A 279 -4.77 8.00 17.45
C GLY A 279 -4.84 8.83 16.19
N ALA A 280 -3.97 8.58 15.21
CA ALA A 280 -4.16 9.16 13.88
C ALA A 280 -5.43 8.60 13.24
N VAL A 281 -6.20 9.50 12.64
CA VAL A 281 -7.43 9.13 11.93
C VAL A 281 -7.12 8.09 10.83
N PRO A 282 -8.01 7.14 10.57
CA PRO A 282 -7.78 6.25 9.41
C PRO A 282 -7.83 7.03 8.10
N GLY A 283 -7.00 6.59 7.16
CA GLY A 283 -7.05 7.20 5.84
C GLY A 283 -8.44 7.16 5.21
N ILE A 284 -9.12 6.01 5.34
N ILE A 284 -9.14 6.01 5.35
CA ILE A 284 -10.43 5.90 4.72
CA ILE A 284 -10.45 5.89 4.73
C ILE A 284 -11.44 6.92 5.23
C ILE A 284 -11.43 6.96 5.21
N GLU A 285 -11.24 7.46 6.43
CA GLU A 285 -12.11 8.51 6.97
C GLU A 285 -11.78 9.88 6.39
N MET A 286 -10.56 10.07 5.86
CA MET A 286 -10.22 11.34 5.25
C MET A 286 -10.29 11.32 3.74
N LEU A 287 -10.45 10.14 3.15
CA LEU A 287 -10.30 9.98 1.70
C LEU A 287 -11.26 10.87 0.90
N GLY A 288 -12.56 10.85 1.25
CA GLY A 288 -13.51 11.58 0.42
C GLY A 288 -13.23 13.07 0.43
N GLU A 289 -12.90 13.61 1.61
CA GLU A 289 -12.59 15.03 1.70
C GLU A 289 -11.33 15.39 0.92
N ILE A 290 -10.35 14.50 0.98
CA ILE A 290 -9.11 14.70 0.23
C ILE A 290 -9.35 14.63 -1.28
N VAL A 291 -10.14 13.65 -1.73
CA VAL A 291 -10.38 13.53 -3.17
C VAL A 291 -11.06 14.79 -3.68
N ALA A 292 -12.02 15.32 -2.90
CA ALA A 292 -12.67 16.54 -3.33
C ALA A 292 -11.70 17.71 -3.37
N ALA A 293 -10.85 17.83 -2.38
CA ALA A 293 -9.87 18.93 -2.32
C ALA A 293 -8.83 18.91 -3.45
N VAL A 294 -8.40 17.72 -3.88
CA VAL A 294 -7.35 17.74 -4.89
C VAL A 294 -7.94 17.88 -6.27
N SER A 295 -9.25 17.60 -6.43
CA SER A 295 -9.96 17.88 -7.66
C SER A 295 -9.20 17.39 -8.91
N GLY A 296 -8.78 16.15 -8.82
CA GLY A 296 -8.11 15.48 -9.95
C GLY A 296 -6.67 15.88 -10.19
N GLY A 297 -6.07 16.68 -9.29
CA GLY A 297 -4.71 17.18 -9.49
C GLY A 297 -3.61 16.15 -9.29
N CYS A 298 -3.92 15.02 -8.66
CA CYS A 298 -2.96 13.91 -8.55
C CYS A 298 -3.79 12.64 -8.30
N GLU A 299 -3.15 11.48 -8.44
CA GLU A 299 -3.78 10.22 -8.05
C GLU A 299 -3.92 10.17 -6.54
N VAL A 300 -5.05 9.66 -6.06
CA VAL A 300 -5.25 9.56 -4.60
C VAL A 300 -5.45 8.10 -4.26
N LEU A 301 -4.43 7.47 -3.65
CA LEU A 301 -4.54 6.11 -3.20
C LEU A 301 -4.87 6.10 -1.70
N VAL A 302 -5.29 4.95 -1.21
CA VAL A 302 -5.58 4.81 0.21
C VAL A 302 -5.06 3.45 0.64
N ASP A 303 -4.68 3.36 1.92
CA ASP A 303 -4.42 2.03 2.46
C ASP A 303 -4.85 1.94 3.91
N GLY A 304 -4.73 0.75 4.47
CA GLY A 304 -5.07 0.51 5.87
C GLY A 304 -6.27 -0.40 5.96
N GLY A 305 -6.04 -1.68 6.24
CA GLY A 305 -7.16 -2.56 6.45
C GLY A 305 -7.89 -3.10 5.23
N ILE A 306 -7.38 -2.89 4.02
CA ILE A 306 -8.08 -3.45 2.85
C ILE A 306 -7.91 -4.97 2.91
N ARG A 307 -9.02 -5.71 3.01
CA ARG A 307 -8.96 -7.15 3.25
C ARG A 307 -9.87 -7.93 2.31
N SER A 308 -10.39 -7.33 1.25
CA SER A 308 -11.27 -8.04 0.33
C SER A 308 -11.48 -7.15 -0.88
N GLY A 309 -12.01 -7.76 -1.94
CA GLY A 309 -12.42 -6.97 -3.10
C GLY A 309 -13.57 -6.02 -2.77
N GLY A 310 -14.43 -6.41 -1.83
CA GLY A 310 -15.46 -5.47 -1.39
C GLY A 310 -14.83 -4.23 -0.75
N ASP A 311 -13.75 -4.39 0.00
CA ASP A 311 -13.09 -3.21 0.61
C ASP A 311 -12.47 -2.36 -0.49
N VAL A 312 -11.92 -3.00 -1.53
CA VAL A 312 -11.40 -2.24 -2.66
C VAL A 312 -12.51 -1.44 -3.26
N LEU A 313 -13.68 -2.06 -3.42
CA LEU A 313 -14.81 -1.34 -3.99
C LEU A 313 -15.20 -0.15 -3.12
N LYS A 314 -15.21 -0.35 -1.80
CA LYS A 314 -15.54 0.79 -0.92
C LYS A 314 -14.57 1.93 -1.10
N ALA A 315 -13.26 1.61 -1.14
CA ALA A 315 -12.25 2.66 -1.32
C ALA A 315 -12.44 3.37 -2.63
N THR A 316 -12.74 2.60 -3.71
CA THR A 316 -12.98 3.22 -5.00
C THR A 316 -14.20 4.12 -4.94
N ALA A 317 -15.26 3.63 -4.30
CA ALA A 317 -16.49 4.42 -4.25
C ALA A 317 -16.29 5.70 -3.45
N LEU A 318 -15.38 5.69 -2.51
CA LEU A 318 -15.05 6.94 -1.79
C LEU A 318 -14.11 7.82 -2.57
N GLY A 319 -13.64 7.35 -3.72
CA GLY A 319 -12.88 8.21 -4.61
C GLY A 319 -11.43 7.81 -4.85
N ALA A 320 -10.95 6.73 -4.24
CA ALA A 320 -9.55 6.32 -4.42
C ALA A 320 -9.29 5.90 -5.86
N SER A 321 -8.09 6.25 -6.34
CA SER A 321 -7.59 5.77 -7.63
C SER A 321 -7.22 4.29 -7.53
N ALA A 322 -6.72 3.89 -6.37
CA ALA A 322 -6.24 2.53 -6.16
C ALA A 322 -5.98 2.40 -4.67
N VAL A 323 -5.73 1.17 -4.24
CA VAL A 323 -5.41 0.92 -2.84
C VAL A 323 -4.02 0.30 -2.77
N LEU A 324 -3.43 0.36 -1.58
CA LEU A 324 -2.31 -0.53 -1.28
C LEU A 324 -2.78 -1.58 -0.31
N VAL A 325 -2.13 -2.76 -0.38
CA VAL A 325 -2.43 -3.88 0.54
C VAL A 325 -1.10 -4.32 1.13
N GLY A 326 -1.01 -4.33 2.46
CA GLY A 326 0.26 -4.65 3.11
C GLY A 326 0.20 -5.99 3.80
N ARG A 327 -0.33 -6.05 5.02
CA ARG A 327 -0.22 -7.28 5.82
C ARG A 327 -0.75 -8.53 5.10
N PRO A 328 -1.85 -8.50 4.35
CA PRO A 328 -2.33 -9.75 3.73
C PRO A 328 -1.33 -10.33 2.76
N VAL A 329 -0.59 -9.49 2.06
CA VAL A 329 0.42 -10.01 1.13
C VAL A 329 1.49 -10.78 1.90
N MET A 330 1.87 -10.25 3.08
CA MET A 330 2.88 -10.91 3.90
C MET A 330 2.33 -12.17 4.52
N TRP A 331 1.03 -12.18 4.87
CA TRP A 331 0.44 -13.46 5.34
C TRP A 331 0.60 -14.52 4.27
N ALA A 332 0.29 -14.17 3.02
CA ALA A 332 0.34 -15.17 1.96
C ALA A 332 1.78 -15.60 1.71
N LEU A 333 2.71 -14.64 1.71
CA LEU A 333 4.13 -14.96 1.61
C LEU A 333 4.56 -15.94 2.71
N ALA A 334 4.21 -15.63 3.97
CA ALA A 334 4.55 -16.53 5.07
C ALA A 334 3.91 -17.90 4.88
N ALA A 335 2.67 -17.93 4.41
CA ALA A 335 1.94 -19.19 4.34
C ALA A 335 2.49 -20.11 3.25
N ALA A 336 2.88 -19.53 2.11
CA ALA A 336 3.15 -20.40 0.96
C ALA A 336 4.05 -19.77 -0.08
N GLY A 337 4.86 -18.79 0.28
CA GLY A 337 5.86 -18.20 -0.58
C GLY A 337 5.23 -17.56 -1.80
N GLN A 338 5.94 -17.62 -2.92
CA GLN A 338 5.43 -17.01 -4.15
C GLN A 338 4.06 -17.55 -4.51
N ASP A 339 3.87 -18.87 -4.42
CA ASP A 339 2.56 -19.43 -4.76
C ASP A 339 1.46 -18.86 -3.85
N GLY A 340 1.78 -18.66 -2.56
CA GLY A 340 0.82 -18.05 -1.64
C GLY A 340 0.40 -16.67 -2.10
N VAL A 341 1.37 -15.84 -2.49
CA VAL A 341 1.02 -14.50 -2.95
C VAL A 341 0.24 -14.57 -4.25
N ARG A 342 0.62 -15.47 -5.16
CA ARG A 342 -0.19 -15.65 -6.37
C ARG A 342 -1.65 -15.97 -6.03
N GLN A 343 -1.87 -16.90 -5.10
CA GLN A 343 -3.25 -17.26 -4.75
C GLN A 343 -3.99 -16.07 -4.13
N LEU A 344 -3.31 -15.34 -3.26
CA LEU A 344 -3.93 -14.12 -2.71
C LEU A 344 -4.32 -13.16 -3.81
N LEU A 345 -3.41 -12.87 -4.76
CA LEU A 345 -3.76 -11.88 -5.78
C LEU A 345 -4.84 -12.41 -6.71
N GLU A 346 -4.86 -13.71 -6.99
CA GLU A 346 -5.95 -14.26 -7.77
C GLU A 346 -7.29 -14.13 -7.03
N LEU A 347 -7.28 -14.36 -5.73
CA LEU A 347 -8.51 -14.27 -4.93
C LEU A 347 -8.98 -12.82 -4.89
N LEU A 348 -8.05 -11.88 -4.66
CA LEU A 348 -8.46 -10.46 -4.70
C LEU A 348 -9.00 -10.06 -6.05
N ALA A 349 -8.34 -10.49 -7.16
CA ALA A 349 -8.85 -10.15 -8.46
C ALA A 349 -10.28 -10.66 -8.65
N GLU A 350 -10.54 -11.91 -8.27
CA GLU A 350 -11.90 -12.45 -8.37
C GLU A 350 -12.86 -11.62 -7.52
N GLU A 351 -12.45 -11.27 -6.30
CA GLU A 351 -13.37 -10.54 -5.42
C GLU A 351 -13.63 -9.13 -5.94
N VAL A 352 -12.61 -8.48 -6.52
CA VAL A 352 -12.82 -7.13 -7.08
C VAL A 352 -13.77 -7.20 -8.26
N ARG A 353 -13.55 -8.17 -9.17
CA ARG A 353 -14.43 -8.28 -10.31
C ARG A 353 -15.86 -8.58 -9.86
N ASP A 354 -16.02 -9.49 -8.89
CA ASP A 354 -17.34 -9.84 -8.37
C ASP A 354 -18.02 -8.61 -7.79
N ALA A 355 -17.31 -7.90 -6.92
CA ALA A 355 -17.91 -6.73 -6.26
C ALA A 355 -18.28 -5.67 -7.29
N MET A 356 -17.38 -5.40 -8.24
CA MET A 356 -17.71 -4.39 -9.24
C MET A 356 -18.96 -4.75 -10.00
N GLY A 357 -19.05 -5.98 -10.47
CA GLY A 357 -20.18 -6.29 -11.31
C GLY A 357 -21.48 -6.34 -10.51
N LEU A 358 -21.44 -6.90 -9.30
CA LEU A 358 -22.63 -6.85 -8.48
C LEU A 358 -23.06 -5.43 -8.17
N ALA A 359 -22.11 -4.46 -8.18
CA ALA A 359 -22.45 -3.04 -7.98
C ALA A 359 -22.74 -2.31 -9.30
N GLY A 360 -22.76 -3.02 -10.42
CA GLY A 360 -23.14 -2.38 -11.67
C GLY A 360 -22.02 -1.60 -12.34
N CYS A 361 -20.77 -1.92 -12.05
CA CYS A 361 -19.64 -1.15 -12.58
C CYS A 361 -18.86 -1.96 -13.58
N GLU A 362 -18.83 -1.49 -14.82
CA GLU A 362 -18.04 -2.18 -15.83
C GLU A 362 -16.60 -1.73 -15.81
N SER A 363 -16.29 -0.66 -15.08
CA SER A 363 -14.93 -0.13 -15.00
C SER A 363 -14.70 0.45 -13.62
N VAL A 364 -13.43 0.64 -13.30
CA VAL A 364 -13.12 1.26 -12.02
C VAL A 364 -13.63 2.71 -11.99
N GLY A 365 -13.59 3.40 -13.13
CA GLY A 365 -14.16 4.74 -13.16
C GLY A 365 -15.62 4.75 -12.74
N ALA A 366 -16.41 3.79 -13.23
CA ALA A 366 -17.79 3.69 -12.78
C ALA A 366 -17.88 3.44 -11.28
N ALA A 367 -16.98 2.61 -10.75
CA ALA A 367 -17.00 2.36 -9.31
C ALA A 367 -16.71 3.64 -8.52
N ARG A 368 -15.88 4.53 -9.05
CA ARG A 368 -15.63 5.76 -8.32
C ARG A 368 -16.87 6.64 -8.30
N ARG A 369 -17.84 6.43 -9.20
CA ARG A 369 -19.07 7.21 -9.19
C ARG A 369 -20.17 6.61 -8.32
N LEU A 370 -19.92 5.44 -7.73
CA LEU A 370 -20.89 4.90 -6.78
C LEU A 370 -21.01 5.77 -5.56
N ASN A 371 -22.19 5.80 -4.96
CA ASN A 371 -22.38 6.48 -3.69
C ASN A 371 -22.30 5.48 -2.55
N THR A 372 -22.04 6.02 -1.36
CA THR A 372 -21.90 5.20 -0.16
C THR A 372 -22.80 5.77 0.91
N LYS A 373 -22.99 4.97 1.96
CA LYS A 373 -23.81 5.39 3.11
C LYS A 373 -23.08 4.90 4.33
N LEU A 374 -22.90 5.76 5.33
CA LEU A 374 -22.35 5.27 6.58
C LEU A 374 -23.44 4.58 7.39
N GLY A 375 -23.11 3.41 7.94
CA GLY A 375 -24.01 2.64 8.78
C GLY A 375 -23.40 2.51 10.16
N VAL A 376 -24.13 1.84 11.04
CA VAL A 376 -23.61 1.49 12.35
C VAL A 376 -23.40 -0.01 12.37
N VAL A 377 -22.31 -0.42 13.01
CA VAL A 377 -21.91 -1.81 13.06
C VAL A 377 -21.81 -2.11 14.55
N1 FMN B . 5.42 1.63 4.87
C2 FMN B . 6.42 2.38 4.34
O2 FMN B . 6.19 3.42 3.70
N3 FMN B . 7.70 1.92 4.46
C4 FMN B . 8.01 0.78 5.16
O4 FMN B . 9.22 0.42 5.21
C4A FMN B . 6.99 0.03 5.73
N5 FMN B . 7.23 -1.13 6.40
C5A FMN B . 6.21 -1.83 6.97
C6 FMN B . 6.42 -3.03 7.62
C7 FMN B . 5.36 -3.72 8.17
C7M FMN B . 5.60 -5.03 8.92
C8 FMN B . 4.04 -3.30 8.00
C8M FMN B . 2.88 -4.10 8.55
C9 FMN B . 3.82 -2.12 7.27
C9A FMN B . 4.88 -1.40 6.78
N10 FMN B . 4.64 -0.21 6.10
C10 FMN B . 5.66 0.50 5.59
C1' FMN B . 3.19 0.30 5.96
C2' FMN B . 2.46 -0.25 4.72
O2' FMN B . 3.09 0.27 3.57
C3' FMN B . 1.01 0.15 4.76
O3' FMN B . 0.88 1.55 4.87
C4' FMN B . 0.24 -0.49 5.88
O4' FMN B . 0.70 -1.82 6.19
C5' FMN B . -1.02 -0.67 5.04
O5' FMN B . -1.92 -1.27 5.79
P FMN B . -2.42 -2.84 5.74
O1P FMN B . -1.18 -3.55 6.24
O2P FMN B . -3.51 -2.79 6.75
O3P FMN B . -2.89 -3.33 4.40
#